data_3E0X
#
_entry.id   3E0X
#
_cell.length_a   44.611
_cell.length_b   75.153
_cell.length_c   68.206
_cell.angle_alpha   90.00
_cell.angle_beta   97.89
_cell.angle_gamma   90.00
#
_symmetry.space_group_name_H-M   'P 1 21 1'
#
loop_
_entity.id
_entity.type
_entity.pdbx_description
1 polymer 'Lipase-esterase related protein'
2 non-polymer ORTHO-XYLENE
3 water water
#
_entity_poly.entity_id   1
_entity_poly.type   'polypeptide(L)'
_entity_poly.pdbx_seq_one_letter_code
;SNA(MSE)LHYVHVGNKKSPNTLLFVHGSGCNLKIFGELEKYLEDYNCILLDLKGHGESKGQCPSTVYGYIDNVANFITN
SEVTKHQKNITLIGYS(MSE)GGAIVLGVALKKLPNVRKVVSLSGGARFDKLDKDF(MSE)EKIYHNQLDNNYLLECIGG
IDNPLSEKYFETLEKDPDI(MSE)INDLIACKLIDLVDNLKNIDIPVKAIVAKDELLTLVEYSEIIKKEVENSELKIFET
GKHFLLVVNAKGVAEEIKNFI
;
_entity_poly.pdbx_strand_id   A,B
#
# COMPACT_ATOMS: atom_id res chain seq x y z
N SER A 1 15.81 -21.94 30.15
CA SER A 1 15.77 -20.45 30.08
C SER A 1 16.77 -19.89 29.07
N ASN A 2 16.58 -18.63 28.71
CA ASN A 2 17.46 -17.98 27.74
C ASN A 2 17.46 -16.48 27.98
N ALA A 3 18.34 -15.77 27.28
CA ALA A 3 18.51 -14.35 27.51
C ALA A 3 17.82 -13.51 26.42
N LEU A 5 15.03 -11.28 24.51
CA LEU A 5 14.08 -10.26 24.87
C LEU A 5 12.67 -10.84 25.02
N HIS A 6 11.89 -10.23 25.92
CA HIS A 6 10.48 -10.56 26.06
C HIS A 6 9.74 -10.08 24.82
N TYR A 7 8.74 -10.84 24.42
CA TYR A 7 7.90 -10.41 23.32
C TYR A 7 6.49 -10.97 23.53
N VAL A 8 5.56 -10.38 22.80
CA VAL A 8 4.17 -10.84 22.71
CA VAL A 8 4.22 -10.96 22.71
C VAL A 8 3.90 -11.27 21.27
N HIS A 9 3.17 -12.37 21.10
CA HIS A 9 2.94 -12.96 19.79
C HIS A 9 1.45 -13.03 19.54
N VAL A 10 0.98 -12.27 18.55
CA VAL A 10 -0.46 -12.16 18.26
C VAL A 10 -0.72 -12.18 16.75
N GLY A 11 -1.99 -12.10 16.36
CA GLY A 11 -2.34 -12.12 14.96
C GLY A 11 -2.42 -13.52 14.36
N ASN A 12 -2.28 -13.58 13.04
CA ASN A 12 -2.37 -14.82 12.33
C ASN A 12 -0.99 -15.44 12.28
N LYS A 13 -0.73 -16.36 13.21
CA LYS A 13 0.63 -16.82 13.43
C LYS A 13 1.18 -17.62 12.27
N LYS A 14 0.28 -18.09 11.41
CA LYS A 14 0.63 -18.90 10.24
CA LYS A 14 0.69 -18.89 10.25
C LYS A 14 0.85 -18.06 8.97
N SER A 15 0.65 -16.75 9.09
CA SER A 15 0.84 -15.84 7.93
C SER A 15 2.30 -15.92 7.42
N PRO A 16 2.47 -15.84 6.10
CA PRO A 16 3.84 -15.79 5.52
C PRO A 16 4.54 -14.46 5.82
N ASN A 17 3.75 -13.49 6.29
CA ASN A 17 4.27 -12.17 6.53
CA ASN A 17 4.20 -12.11 6.56
C ASN A 17 4.37 -11.92 8.04
N THR A 18 5.61 -11.73 8.49
CA THR A 18 5.90 -11.53 9.90
C THR A 18 6.22 -10.06 10.11
N LEU A 19 5.56 -9.46 11.11
CA LEU A 19 5.82 -8.07 11.43
C LEU A 19 6.43 -8.05 12.82
N LEU A 20 7.62 -7.49 12.90
CA LEU A 20 8.31 -7.38 14.20
C LEU A 20 8.27 -5.89 14.59
N PHE A 21 7.59 -5.60 15.70
CA PHE A 21 7.37 -4.23 16.15
C PHE A 21 8.37 -3.86 17.21
N VAL A 22 8.98 -2.70 17.05
CA VAL A 22 9.98 -2.19 17.98
C VAL A 22 9.53 -0.81 18.46
N HIS A 23 9.30 -0.72 19.77
CA HIS A 23 8.76 0.50 20.37
C HIS A 23 9.83 1.57 20.51
N GLY A 24 9.45 2.67 21.14
CA GLY A 24 10.32 3.85 21.21
C GLY A 24 10.74 4.24 22.61
N SER A 25 11.15 5.51 22.72
CA SER A 25 11.75 6.02 23.93
C SER A 25 10.79 5.97 25.09
N GLY A 26 11.24 5.38 26.20
CA GLY A 26 10.48 5.49 27.44
C GLY A 26 9.18 4.70 27.43
N CYS A 27 8.97 3.86 26.42
CA CYS A 27 7.76 3.04 26.41
C CYS A 27 8.11 1.57 26.26
N ASN A 28 7.14 0.77 25.84
CA ASN A 28 7.31 -0.67 25.74
CA ASN A 28 7.33 -0.67 25.73
C ASN A 28 6.34 -1.18 24.68
N LEU A 29 6.23 -2.50 24.52
CA LEU A 29 5.42 -3.02 23.42
C LEU A 29 3.94 -2.65 23.54
N LYS A 30 3.50 -2.26 24.75
CA LYS A 30 2.11 -1.88 24.99
CA LYS A 30 2.09 -1.93 24.93
C LYS A 30 1.65 -0.70 24.14
N ILE A 31 2.60 0.10 23.66
CA ILE A 31 2.28 1.30 22.90
C ILE A 31 1.64 0.96 21.55
N PHE A 32 1.84 -0.29 21.10
CA PHE A 32 1.27 -0.77 19.83
C PHE A 32 -0.13 -1.37 19.96
N GLY A 33 -0.77 -1.19 21.12
CA GLY A 33 -2.02 -1.85 21.41
C GLY A 33 -3.15 -1.55 20.45
N GLU A 34 -3.19 -0.32 19.94
CA GLU A 34 -4.21 -0.01 18.93
C GLU A 34 -3.80 -0.47 17.55
N LEU A 35 -2.52 -0.27 17.19
CA LEU A 35 -2.07 -0.57 15.86
C LEU A 35 -2.21 -2.06 15.58
N GLU A 36 -1.92 -2.88 16.58
CA GLU A 36 -2.01 -4.32 16.38
C GLU A 36 -3.45 -4.78 16.05
N LYS A 37 -4.45 -4.00 16.45
CA LYS A 37 -5.84 -4.38 16.15
C LYS A 37 -6.18 -4.42 14.64
N TYR A 38 -5.38 -3.74 13.81
CA TYR A 38 -5.66 -3.58 12.38
C TYR A 38 -4.71 -4.42 11.53
N LEU A 39 -3.88 -5.19 12.21
CA LEU A 39 -2.85 -6.00 11.53
C LEU A 39 -2.97 -7.49 11.85
N GLU A 40 -4.20 -7.91 12.17
CA GLU A 40 -4.48 -9.27 12.65
C GLU A 40 -4.28 -10.36 11.62
N ASP A 41 -4.18 -9.99 10.34
CA ASP A 41 -3.97 -10.96 9.28
C ASP A 41 -2.49 -11.36 9.15
N TYR A 42 -1.64 -10.68 9.92
CA TYR A 42 -0.20 -10.93 9.86
CA TYR A 42 -0.19 -10.88 9.86
C TYR A 42 0.32 -11.58 11.13
N ASN A 43 1.53 -12.13 11.04
CA ASN A 43 2.16 -12.81 12.16
C ASN A 43 2.87 -11.72 12.96
N CYS A 44 2.28 -11.28 14.06
CA CYS A 44 2.77 -10.08 14.76
C CYS A 44 3.58 -10.44 16.00
N ILE A 45 4.79 -9.90 16.05
CA ILE A 45 5.70 -10.14 17.17
C ILE A 45 6.05 -8.76 17.72
N LEU A 46 5.73 -8.52 18.98
CA LEU A 46 5.96 -7.20 19.58
C LEU A 46 7.00 -7.37 20.66
N LEU A 47 8.14 -6.70 20.51
CA LEU A 47 9.33 -6.85 21.36
CA LEU A 47 9.21 -6.95 21.49
C LEU A 47 9.34 -5.84 22.51
N ASP A 48 9.79 -6.23 23.70
CA ASP A 48 10.21 -5.24 24.70
C ASP A 48 11.72 -5.10 24.61
N LEU A 49 12.19 -3.88 24.37
CA LEU A 49 13.64 -3.65 24.37
C LEU A 49 14.20 -3.85 25.78
N LYS A 50 15.48 -4.17 25.87
CA LYS A 50 16.11 -4.44 27.16
C LYS A 50 15.86 -3.28 28.11
N GLY A 51 15.45 -3.64 29.33
CA GLY A 51 15.16 -2.65 30.35
C GLY A 51 13.78 -2.00 30.29
N HIS A 52 12.99 -2.38 29.28
CA HIS A 52 11.65 -1.84 29.11
C HIS A 52 10.64 -2.97 29.27
N GLY A 53 9.42 -2.64 29.73
CA GLY A 53 8.38 -3.67 29.88
C GLY A 53 8.92 -4.85 30.67
N GLU A 54 8.78 -6.06 30.12
CA GLU A 54 9.16 -7.25 30.85
CA GLU A 54 9.14 -7.26 30.84
C GLU A 54 10.53 -7.77 30.48
N SER A 55 11.27 -7.00 29.69
CA SER A 55 12.64 -7.40 29.37
C SER A 55 13.59 -6.86 30.41
N LYS A 56 14.11 -7.75 31.26
CA LYS A 56 14.95 -7.31 32.37
C LYS A 56 16.33 -6.86 31.90
N GLY A 57 16.93 -5.97 32.66
CA GLY A 57 18.27 -5.53 32.38
C GLY A 57 18.42 -4.04 32.34
N GLN A 58 19.66 -3.56 32.31
CA GLN A 58 19.97 -2.15 32.12
C GLN A 58 19.61 -1.76 30.67
N CYS A 59 18.92 -0.63 30.51
CA CYS A 59 18.63 -0.16 29.15
C CYS A 59 19.95 0.24 28.52
N PRO A 60 20.25 -0.25 27.30
CA PRO A 60 21.40 0.27 26.56
C PRO A 60 21.34 1.80 26.44
N SER A 61 22.51 2.44 26.46
CA SER A 61 22.58 3.89 26.44
C SER A 61 22.67 4.46 25.03
N THR A 62 22.80 3.57 24.05
CA THR A 62 22.96 4.01 22.65
C THR A 62 22.01 3.27 21.74
N VAL A 63 21.65 3.91 20.61
CA VAL A 63 20.82 3.19 19.66
C VAL A 63 21.56 1.95 19.13
N TYR A 64 22.88 2.05 18.98
CA TYR A 64 23.68 0.89 18.59
C TYR A 64 23.50 -0.32 19.50
N GLY A 65 23.41 -0.10 20.80
CA GLY A 65 23.14 -1.19 21.74
C GLY A 65 21.81 -1.86 21.43
N TYR A 66 20.75 -1.05 21.26
CA TYR A 66 19.43 -1.59 20.90
C TYR A 66 19.46 -2.32 19.56
N ILE A 67 20.18 -1.77 18.57
CA ILE A 67 20.31 -2.43 17.26
C ILE A 67 20.91 -3.83 17.40
N ASP A 68 21.99 -3.94 18.18
CA ASP A 68 22.61 -5.24 18.42
C ASP A 68 21.65 -6.20 19.14
N ASN A 69 20.89 -5.70 20.11
CA ASN A 69 19.94 -6.56 20.80
C ASN A 69 18.86 -7.08 19.86
N VAL A 70 18.33 -6.19 19.02
CA VAL A 70 17.25 -6.56 18.12
C VAL A 70 17.75 -7.51 17.04
N ALA A 71 18.96 -7.27 16.52
CA ALA A 71 19.53 -8.21 15.55
C ALA A 71 19.75 -9.59 16.17
N ASN A 72 20.21 -9.65 17.43
CA ASN A 72 20.37 -10.93 18.11
C ASN A 72 19.05 -11.65 18.23
N PHE A 73 17.99 -10.92 18.55
CA PHE A 73 16.64 -11.50 18.65
C PHE A 73 16.23 -12.07 17.28
N ILE A 74 16.32 -11.27 16.23
CA ILE A 74 15.88 -11.74 14.93
C ILE A 74 16.61 -13.05 14.52
N THR A 75 17.92 -13.06 14.70
CA THR A 75 18.72 -14.16 14.24
C THR A 75 18.50 -15.41 15.06
N ASN A 76 18.26 -15.23 16.36
CA ASN A 76 18.33 -16.34 17.31
C ASN A 76 17.04 -16.77 18.00
N SER A 77 16.01 -15.93 18.05
CA SER A 77 14.76 -16.30 18.69
CA SER A 77 14.78 -16.33 18.71
C SER A 77 14.08 -17.41 17.90
N GLU A 78 13.46 -18.34 18.61
CA GLU A 78 12.72 -19.38 17.91
C GLU A 78 11.56 -18.82 17.08
N VAL A 79 11.04 -17.65 17.45
CA VAL A 79 9.89 -17.07 16.79
C VAL A 79 10.22 -16.32 15.49
N THR A 80 11.49 -16.00 15.27
CA THR A 80 11.89 -15.31 14.03
C THR A 80 12.95 -16.02 13.21
N LYS A 81 13.73 -16.92 13.83
CA LYS A 81 14.94 -17.43 13.16
C LYS A 81 14.62 -18.20 11.88
N HIS A 82 13.41 -18.77 11.79
CA HIS A 82 12.98 -19.51 10.60
C HIS A 82 12.03 -18.76 9.66
N GLN A 83 11.68 -17.52 10.03
CA GLN A 83 10.72 -16.73 9.27
C GLN A 83 11.47 -16.07 8.12
N LYS A 84 10.94 -16.19 6.90
CA LYS A 84 11.65 -15.75 5.73
C LYS A 84 11.23 -14.38 5.20
N ASN A 85 10.15 -13.82 5.73
CA ASN A 85 9.65 -12.52 5.26
C ASN A 85 9.28 -11.59 6.40
N ILE A 86 10.30 -11.05 7.04
CA ILE A 86 10.11 -10.15 8.19
C ILE A 86 10.11 -8.69 7.76
N THR A 87 9.06 -7.97 8.18
CA THR A 87 9.02 -6.51 8.09
C THR A 87 9.19 -5.95 9.47
N LEU A 88 10.14 -5.04 9.63
CA LEU A 88 10.34 -4.38 10.90
C LEU A 88 9.51 -3.10 10.93
N ILE A 89 8.84 -2.88 12.07
CA ILE A 89 8.02 -1.69 12.30
CA ILE A 89 8.09 -1.64 12.25
C ILE A 89 8.59 -1.01 13.52
N GLY A 90 9.25 0.14 13.35
CA GLY A 90 9.88 0.80 14.47
C GLY A 90 9.26 2.16 14.72
N TYR A 91 8.91 2.42 15.98
CA TYR A 91 8.30 3.69 16.36
C TYR A 91 9.24 4.55 17.16
N SER A 92 9.30 5.86 16.88
CA SER A 92 10.09 6.75 17.70
C SER A 92 11.58 6.31 17.66
N GLY A 94 12.60 3.51 18.07
CA GLY A 94 12.51 2.24 17.33
C GLY A 94 12.69 2.45 15.84
N GLY A 95 12.30 3.64 15.33
CA GLY A 95 12.51 3.96 13.90
C GLY A 95 14.01 3.94 13.58
N ALA A 96 14.80 4.63 14.41
CA ALA A 96 16.25 4.61 14.22
C ALA A 96 16.77 3.19 14.37
N ILE A 97 16.23 2.44 15.35
CA ILE A 97 16.72 1.07 15.60
C ILE A 97 16.50 0.20 14.36
N VAL A 98 15.30 0.26 13.78
CA VAL A 98 15.02 -0.64 12.65
C VAL A 98 15.81 -0.25 11.40
N LEU A 99 16.10 1.06 11.23
CA LEU A 99 17.01 1.45 10.16
C LEU A 99 18.41 0.87 10.43
N GLY A 100 18.86 0.89 11.68
CA GLY A 100 20.16 0.31 12.01
C GLY A 100 20.18 -1.20 11.77
N VAL A 101 19.07 -1.88 12.07
CA VAL A 101 18.97 -3.33 11.82
C VAL A 101 19.01 -3.63 10.32
N ALA A 102 18.35 -2.79 9.53
CA ALA A 102 18.40 -2.97 8.07
C ALA A 102 19.86 -2.98 7.61
N LEU A 103 20.69 -2.14 8.22
CA LEU A 103 22.13 -2.04 7.83
C LEU A 103 22.94 -3.28 8.22
N LYS A 104 22.39 -4.14 9.08
CA LYS A 104 23.05 -5.40 9.42
C LYS A 104 22.89 -6.44 8.33
N LYS A 105 21.96 -6.20 7.39
CA LYS A 105 21.77 -7.07 6.21
C LYS A 105 21.44 -8.50 6.63
N LEU A 106 20.53 -8.65 7.59
CA LEU A 106 20.06 -9.97 8.01
C LEU A 106 19.26 -10.61 6.89
N PRO A 107 19.50 -11.91 6.59
CA PRO A 107 18.91 -12.45 5.36
C PRO A 107 17.39 -12.40 5.32
N ASN A 108 16.73 -12.48 6.47
CA ASN A 108 15.26 -12.59 6.51
C ASN A 108 14.50 -11.29 6.72
N VAL A 109 15.23 -10.18 6.91
CA VAL A 109 14.58 -8.89 7.07
C VAL A 109 14.42 -8.31 5.67
N ARG A 110 13.16 -8.16 5.26
CA ARG A 110 12.86 -7.83 3.85
C ARG A 110 12.41 -6.38 3.63
N LYS A 111 11.83 -5.75 4.66
CA LYS A 111 11.36 -4.37 4.55
C LYS A 111 11.41 -3.75 5.93
N VAL A 112 11.46 -2.42 5.96
CA VAL A 112 11.42 -1.71 7.23
C VAL A 112 10.47 -0.51 7.15
N VAL A 113 9.74 -0.27 8.25
CA VAL A 113 8.93 0.93 8.38
C VAL A 113 9.41 1.73 9.59
N SER A 114 9.64 3.02 9.36
CA SER A 114 9.97 3.94 10.45
C SER A 114 8.75 4.81 10.68
N LEU A 115 8.11 4.62 11.84
CA LEU A 115 6.87 5.29 12.18
C LEU A 115 7.20 6.38 13.20
N SER A 116 6.99 7.65 12.84
CA SER A 116 7.30 8.75 13.74
C SER A 116 8.72 8.60 14.31
N GLY A 117 9.66 8.42 13.39
CA GLY A 117 11.07 8.19 13.71
C GLY A 117 12.02 9.10 13.00
N GLY A 118 13.19 8.55 12.73
CA GLY A 118 14.27 9.32 12.15
C GLY A 118 15.57 8.53 12.23
N ALA A 119 16.57 9.02 11.48
CA ALA A 119 17.91 8.48 11.55
C ALA A 119 18.85 9.38 12.35
N ARG A 120 18.38 10.56 12.70
CA ARG A 120 19.14 11.59 13.43
C ARG A 120 18.08 12.54 13.94
N PHE A 121 18.28 13.03 15.16
CA PHE A 121 17.29 13.88 15.81
C PHE A 121 17.97 15.17 16.26
N ASP A 122 18.55 15.88 15.30
CA ASP A 122 19.42 17.02 15.60
C ASP A 122 18.72 18.30 16.00
N LYS A 123 17.40 18.34 15.86
CA LYS A 123 16.65 19.54 16.17
C LYS A 123 15.76 19.42 17.42
N LEU A 124 15.98 18.38 18.21
CA LEU A 124 15.24 18.22 19.45
C LEU A 124 15.30 19.51 20.26
N ASP A 125 14.15 19.89 20.83
CA ASP A 125 14.03 21.19 21.49
C ASP A 125 15.16 21.39 22.51
N LYS A 126 15.87 22.50 22.39
CA LYS A 126 17.07 22.71 23.17
C LYS A 126 16.77 22.82 24.65
N ASP A 127 15.73 23.56 25.01
CA ASP A 127 15.39 23.70 26.43
C ASP A 127 14.98 22.34 27.04
N PHE A 128 14.18 21.59 26.30
CA PHE A 128 13.77 20.25 26.70
C PHE A 128 14.97 19.34 26.94
N GLU A 130 18.11 20.22 27.44
CA GLU A 130 18.89 20.73 28.57
CA GLU A 130 18.93 20.67 28.56
C GLU A 130 18.37 20.15 29.87
N LYS A 131 17.04 20.18 30.02
CA LYS A 131 16.43 19.57 31.21
C LYS A 131 16.78 18.09 31.31
N ILE A 132 16.71 17.37 30.20
CA ILE A 132 17.01 15.94 30.18
C ILE A 132 18.45 15.71 30.66
N TYR A 133 19.39 16.52 30.14
CA TYR A 133 20.78 16.43 30.59
CA TYR A 133 20.78 16.44 30.56
C TYR A 133 20.95 16.71 32.07
N HIS A 134 19.98 17.43 32.65
CA HIS A 134 19.99 17.70 34.10
C HIS A 134 19.07 16.74 34.88
N ASN A 135 18.72 15.65 34.20
CA ASN A 135 17.97 14.54 34.76
C ASN A 135 16.54 14.92 35.12
N GLN A 136 15.98 15.85 34.34
CA GLN A 136 14.62 16.32 34.58
C GLN A 136 13.79 16.12 33.32
N LEU A 137 12.65 15.47 33.48
CA LEU A 137 11.77 15.19 32.37
CA LEU A 137 11.75 15.16 32.38
C LEU A 137 10.56 16.13 32.38
N ASP A 138 10.46 16.95 31.33
CA ASP A 138 9.39 17.93 31.22
C ASP A 138 8.12 17.24 30.73
N ASN A 139 7.24 16.86 31.64
CA ASN A 139 5.99 16.19 31.26
C ASN A 139 5.06 17.09 30.46
N ASN A 140 5.08 18.40 30.73
CA ASN A 140 4.27 19.32 29.94
C ASN A 140 4.67 19.24 28.46
N TYR A 141 5.98 19.19 28.20
CA TYR A 141 6.44 19.14 26.82
C TYR A 141 6.11 17.79 26.21
N LEU A 142 6.28 16.71 26.98
CA LEU A 142 5.94 15.39 26.45
CA LEU A 142 5.93 15.36 26.46
C LEU A 142 4.47 15.33 26.04
N LEU A 143 3.58 15.86 26.90
CA LEU A 143 2.18 15.86 26.58
C LEU A 143 1.91 16.69 25.32
N GLU A 144 2.62 17.81 25.17
CA GLU A 144 2.43 18.64 23.98
C GLU A 144 2.81 17.85 22.73
N CYS A 145 3.88 17.07 22.86
CA CYS A 145 4.38 16.30 21.71
C CYS A 145 3.41 15.22 21.28
N ILE A 146 2.71 14.63 22.22
CA ILE A 146 1.77 13.56 21.86
C ILE A 146 0.39 14.09 21.52
N GLY A 147 0.18 15.40 21.70
CA GLY A 147 -1.09 16.03 21.40
C GLY A 147 -2.09 16.04 22.55
N GLY A 148 -1.58 15.87 23.77
CA GLY A 148 -2.43 15.91 24.95
C GLY A 148 -3.18 14.61 25.16
N ILE A 149 -3.90 14.53 26.26
CA ILE A 149 -4.59 13.27 26.56
C ILE A 149 -6.12 13.38 26.54
N ASP A 150 -6.63 14.40 25.86
CA ASP A 150 -8.07 14.55 25.73
C ASP A 150 -8.70 13.38 24.96
N ASN A 151 -8.01 12.89 23.93
CA ASN A 151 -8.49 11.70 23.23
C ASN A 151 -8.37 10.53 24.21
N PRO A 152 -9.48 9.82 24.48
CA PRO A 152 -9.41 8.78 25.53
C PRO A 152 -8.34 7.70 25.22
N LEU A 153 -8.11 7.43 23.95
CA LEU A 153 -7.05 6.48 23.58
C LEU A 153 -5.69 7.00 24.02
N SER A 154 -5.49 8.31 23.85
CA SER A 154 -4.24 8.91 24.23
C SER A 154 -4.06 8.82 25.74
N GLU A 155 -5.13 9.07 26.48
CA GLU A 155 -5.02 9.00 27.93
C GLU A 155 -4.55 7.62 28.36
N LYS A 156 -5.19 6.59 27.81
CA LYS A 156 -4.87 5.21 28.11
C LYS A 156 -3.41 4.86 27.75
N TYR A 157 -3.00 5.21 26.53
CA TYR A 157 -1.68 4.77 26.12
C TYR A 157 -0.54 5.58 26.71
N PHE A 158 -0.81 6.84 27.04
CA PHE A 158 0.19 7.61 27.76
C PHE A 158 0.53 6.95 29.09
N GLU A 159 -0.46 6.32 29.72
CA GLU A 159 -0.23 5.65 31.02
CA GLU A 159 -0.21 5.66 31.01
C GLU A 159 0.59 4.36 30.88
N THR A 160 0.75 3.86 29.65
CA THR A 160 1.59 2.67 29.46
C THR A 160 3.10 2.97 29.41
N LEU A 161 3.46 4.25 29.38
CA LEU A 161 4.86 4.64 29.35
C LEU A 161 5.52 4.15 30.63
N GLU A 162 6.82 3.87 30.55
CA GLU A 162 7.58 3.42 31.70
C GLU A 162 7.47 4.41 32.85
N LYS A 163 7.35 3.87 34.08
CA LYS A 163 7.15 4.71 35.24
C LYS A 163 8.44 5.30 35.83
N ASP A 164 9.58 4.64 35.62
CA ASP A 164 10.83 5.23 36.09
C ASP A 164 11.31 6.27 35.08
N PRO A 165 11.39 7.58 35.46
CA PRO A 165 11.81 8.55 34.47
C PRO A 165 13.24 8.37 33.96
N ASP A 166 14.05 7.56 34.64
CA ASP A 166 15.43 7.35 34.16
C ASP A 166 15.44 6.64 32.83
N ILE A 167 14.39 5.87 32.53
CA ILE A 167 14.35 5.19 31.25
C ILE A 167 14.12 6.17 30.09
N ILE A 169 14.78 9.32 30.11
CA ILE A 169 15.97 10.14 30.03
C ILE A 169 17.10 9.42 29.24
N ASN A 170 17.34 8.14 29.58
CA ASN A 170 18.32 7.33 28.86
C ASN A 170 18.04 7.31 27.38
N ASP A 171 16.78 7.07 27.05
CA ASP A 171 16.39 6.89 25.65
C ASP A 171 16.48 8.19 24.87
N LEU A 172 16.08 9.32 25.46
CA LEU A 172 16.18 10.61 24.75
C LEU A 172 17.62 11.02 24.52
N ILE A 173 18.50 10.69 25.48
CA ILE A 173 19.94 10.93 25.28
C ILE A 173 20.45 10.04 24.12
N ALA A 174 20.02 8.77 24.10
CA ALA A 174 20.41 7.87 22.98
C ALA A 174 19.95 8.47 21.65
N CYS A 175 18.75 9.07 21.66
CA CYS A 175 18.25 9.68 20.42
C CYS A 175 19.04 10.91 20.01
N LYS A 176 19.43 11.73 20.99
CA LYS A 176 20.20 12.91 20.66
C LYS A 176 21.60 12.52 20.11
N LEU A 177 22.12 11.37 20.53
CA LEU A 177 23.45 10.92 20.09
C LEU A 177 23.45 10.26 18.71
N ILE A 178 22.37 9.57 18.33
CA ILE A 178 22.41 8.74 17.09
C ILE A 178 22.47 9.55 15.79
N ASP A 179 23.29 9.09 14.85
CA ASP A 179 23.28 9.71 13.54
C ASP A 179 23.61 8.66 12.50
N LEU A 180 22.57 8.04 11.95
CA LEU A 180 22.73 7.02 10.90
C LEU A 180 22.58 7.58 9.50
N VAL A 181 22.46 8.91 9.38
CA VAL A 181 22.06 9.47 8.09
C VAL A 181 22.98 9.09 6.94
N ASP A 182 24.29 9.15 7.17
CA ASP A 182 25.24 8.93 6.07
C ASP A 182 25.38 7.45 5.72
N ASN A 183 24.66 6.59 6.44
CA ASN A 183 24.61 5.17 6.10
C ASN A 183 23.30 4.74 5.45
N LEU A 184 22.31 5.62 5.44
CA LEU A 184 21.00 5.27 4.87
C LEU A 184 21.10 4.80 3.43
N LYS A 185 22.03 5.41 2.67
CA LYS A 185 22.25 5.04 1.27
C LYS A 185 22.68 3.59 1.09
N ASN A 186 23.13 2.97 2.17
CA ASN A 186 23.60 1.58 2.12
C ASN A 186 22.51 0.55 2.40
N ILE A 187 21.29 1.01 2.68
CA ILE A 187 20.19 0.08 2.91
C ILE A 187 19.70 -0.45 1.57
N ASP A 188 19.69 -1.78 1.44
CA ASP A 188 19.37 -2.49 0.18
C ASP A 188 17.88 -2.79 -0.01
N ILE A 189 17.13 -2.80 1.09
CA ILE A 189 15.72 -3.21 1.10
C ILE A 189 14.80 -2.01 1.12
N PRO A 190 13.50 -2.21 0.82
CA PRO A 190 12.54 -1.08 0.85
C PRO A 190 12.31 -0.54 2.26
N VAL A 191 12.22 0.79 2.35
CA VAL A 191 11.98 1.48 3.63
C VAL A 191 10.82 2.42 3.44
N LYS A 192 9.86 2.41 4.37
CA LYS A 192 8.79 3.42 4.33
C LYS A 192 8.80 4.21 5.61
N ALA A 193 8.70 5.54 5.49
CA ALA A 193 8.59 6.39 6.67
C ALA A 193 7.14 6.88 6.73
N ILE A 194 6.56 6.92 7.95
CA ILE A 194 5.17 7.37 8.18
C ILE A 194 5.23 8.34 9.34
N VAL A 195 4.64 9.52 9.19
CA VAL A 195 4.78 10.56 10.23
C VAL A 195 3.65 11.57 10.08
N ALA A 196 3.35 12.30 11.17
CA ALA A 196 2.39 13.40 11.12
C ALA A 196 3.12 14.72 10.90
N LYS A 197 2.57 15.55 10.02
CA LYS A 197 3.16 16.83 9.67
C LYS A 197 3.30 17.75 10.88
N ASP A 198 2.37 17.63 11.83
CA ASP A 198 2.38 18.51 13.00
C ASP A 198 3.32 18.04 14.12
N GLU A 199 4.15 17.03 13.88
CA GLU A 199 5.17 16.65 14.89
C GLU A 199 6.01 17.80 15.37
N LEU A 200 6.21 17.83 16.70
CA LEU A 200 7.20 18.67 17.36
C LEU A 200 8.46 17.88 17.72
N LEU A 201 8.32 16.57 17.86
CA LEU A 201 9.41 15.75 18.38
C LEU A 201 10.15 15.07 17.26
N THR A 202 9.54 14.08 16.60
CA THR A 202 10.17 13.45 15.43
C THR A 202 9.63 14.19 14.19
N LEU A 203 10.26 15.32 13.89
CA LEU A 203 9.85 16.23 12.83
C LEU A 203 9.68 15.56 11.49
N VAL A 204 8.76 16.07 10.69
CA VAL A 204 8.54 15.50 9.38
C VAL A 204 9.86 15.54 8.56
N GLU A 205 10.67 16.57 8.78
CA GLU A 205 11.94 16.65 8.01
C GLU A 205 12.85 15.45 8.22
N TYR A 206 12.77 14.81 9.39
CA TYR A 206 13.59 13.62 9.63
C TYR A 206 13.14 12.48 8.71
N SER A 207 11.84 12.35 8.50
CA SER A 207 11.29 11.33 7.61
C SER A 207 11.58 11.65 6.15
N GLU A 208 11.61 12.93 5.83
CA GLU A 208 11.99 13.34 4.45
C GLU A 208 13.44 12.94 4.15
N ILE A 209 14.32 13.03 5.13
CA ILE A 209 15.70 12.60 4.93
C ILE A 209 15.76 11.09 4.66
N ILE A 210 14.98 10.31 5.39
CA ILE A 210 14.96 8.86 5.13
C ILE A 210 14.54 8.59 3.67
N LYS A 211 13.48 9.26 3.23
CA LYS A 211 12.99 9.08 1.86
C LYS A 211 14.07 9.50 0.86
N LYS A 212 14.76 10.60 1.13
CA LYS A 212 15.78 11.10 0.20
C LYS A 212 16.95 10.13 0.06
N GLU A 213 17.41 9.59 1.19
CA GLU A 213 18.66 8.85 1.23
C GLU A 213 18.55 7.39 0.88
N VAL A 214 17.46 6.74 1.24
CA VAL A 214 17.26 5.31 0.95
C VAL A 214 16.80 5.17 -0.51
N GLU A 215 17.48 4.33 -1.28
CA GLU A 215 17.21 4.21 -2.70
C GLU A 215 15.79 3.75 -3.00
N ASN A 216 15.34 2.70 -2.30
CA ASN A 216 13.98 2.18 -2.48
CA ASN A 216 14.00 2.17 -2.47
C ASN A 216 13.15 2.58 -1.27
N SER A 217 12.41 3.67 -1.40
CA SER A 217 11.77 4.26 -0.23
C SER A 217 10.41 4.88 -0.54
N GLU A 218 9.60 4.99 0.51
CA GLU A 218 8.27 5.58 0.42
C GLU A 218 8.09 6.48 1.62
N LEU A 219 7.20 7.47 1.49
CA LEU A 219 6.94 8.39 2.57
C LEU A 219 5.45 8.68 2.62
N LYS A 220 4.84 8.57 3.81
CA LYS A 220 3.46 9.01 4.00
C LYS A 220 3.42 10.05 5.10
N ILE A 221 2.87 11.25 4.77
CA ILE A 221 2.73 12.31 5.76
C ILE A 221 1.24 12.49 6.05
N PHE A 222 0.83 12.18 7.27
CA PHE A 222 -0.53 12.51 7.72
C PHE A 222 -0.58 13.98 8.14
N GLU A 223 -1.72 14.64 7.92
CA GLU A 223 -1.81 16.06 8.26
CA GLU A 223 -1.85 16.06 8.27
C GLU A 223 -1.66 16.25 9.78
N THR A 224 -2.32 15.40 10.55
CA THR A 224 -2.36 15.56 12.00
C THR A 224 -2.13 14.25 12.76
N GLY A 225 -2.01 14.36 14.08
CA GLY A 225 -1.84 13.20 14.94
C GLY A 225 -0.65 13.34 15.90
N LYS A 226 0.30 14.21 15.56
CA LYS A 226 1.50 14.40 16.38
C LYS A 226 2.15 13.05 16.73
N HIS A 227 2.80 12.93 17.89
CA HIS A 227 3.64 11.76 18.15
C HIS A 227 2.81 10.52 18.52
N PHE A 228 1.52 10.73 18.82
CA PHE A 228 0.62 9.61 19.10
C PHE A 228 -0.23 9.23 17.88
N LEU A 229 0.26 9.57 16.68
CA LEU A 229 -0.37 9.12 15.45
C LEU A 229 -0.71 7.63 15.49
N LEU A 230 0.20 6.81 16.01
CA LEU A 230 0.00 5.34 16.02
C LEU A 230 -1.11 4.88 16.98
N VAL A 231 -1.56 5.80 17.84
CA VAL A 231 -2.62 5.53 18.80
C VAL A 231 -3.95 6.13 18.31
N VAL A 232 -3.91 7.41 17.94
CA VAL A 232 -5.16 8.10 17.56
C VAL A 232 -5.58 7.83 16.13
N ASN A 233 -4.64 7.41 15.29
CA ASN A 233 -4.99 7.01 13.92
C ASN A 233 -4.34 5.69 13.59
N ALA A 234 -4.49 4.74 14.51
CA ALA A 234 -3.94 3.41 14.29
C ALA A 234 -4.48 2.78 13.01
N LYS A 235 -5.76 2.99 12.72
CA LYS A 235 -6.36 2.40 11.53
C LYS A 235 -5.69 2.96 10.27
N GLY A 236 -5.45 4.27 10.24
CA GLY A 236 -4.84 4.87 9.05
C GLY A 236 -3.38 4.46 8.92
N VAL A 237 -2.69 4.39 10.06
CA VAL A 237 -1.29 3.93 10.02
C VAL A 237 -1.22 2.48 9.50
N ALA A 238 -2.11 1.62 9.99
CA ALA A 238 -2.11 0.22 9.54
C ALA A 238 -2.37 0.13 8.04
N GLU A 239 -3.25 0.98 7.49
CA GLU A 239 -3.49 0.97 6.04
C GLU A 239 -2.20 1.29 5.29
N GLU A 240 -1.41 2.20 5.86
CA GLU A 240 -0.17 2.63 5.22
C GLU A 240 0.99 1.66 5.44
N ILE A 241 0.76 0.66 6.29
CA ILE A 241 1.67 -0.48 6.40
C ILE A 241 1.24 -1.56 5.40
N LYS A 242 -0.06 -1.87 5.35
CA LYS A 242 -0.61 -2.84 4.40
C LYS A 242 -0.27 -2.50 2.95
N ASN A 243 -0.31 -1.22 2.61
CA ASN A 243 -0.04 -0.85 1.21
C ASN A 243 1.43 -0.95 0.79
N PHE A 244 2.30 -1.24 1.76
CA PHE A 244 3.72 -1.29 1.56
C PHE A 244 4.29 -2.70 1.65
N ILE A 245 3.79 -3.52 2.57
CA ILE A 245 4.44 -4.81 2.82
CA ILE A 245 4.28 -4.88 2.88
C ILE A 245 4.33 -5.81 1.67
N ALA B 3 -30.07 -9.05 -15.29
CA ALA B 3 -30.38 -8.45 -13.96
C ALA B 3 -29.16 -7.69 -13.46
N LEU B 5 -25.39 -7.43 -12.45
CA LEU B 5 -24.20 -8.10 -12.97
C LEU B 5 -23.66 -9.11 -11.96
N HIS B 6 -23.12 -10.22 -12.48
CA HIS B 6 -22.37 -11.18 -11.69
C HIS B 6 -21.09 -10.55 -11.16
N TYR B 7 -20.75 -10.88 -9.93
CA TYR B 7 -19.49 -10.44 -9.36
C TYR B 7 -18.94 -11.51 -8.44
N VAL B 8 -17.62 -11.45 -8.23
CA VAL B 8 -17.02 -12.19 -7.12
C VAL B 8 -16.50 -11.20 -6.08
N HIS B 9 -16.49 -11.64 -4.82
CA HIS B 9 -16.18 -10.78 -3.70
C HIS B 9 -15.09 -11.47 -2.90
N VAL B 10 -13.88 -10.93 -2.92
CA VAL B 10 -12.71 -11.57 -2.32
C VAL B 10 -11.87 -10.56 -1.55
N GLY B 11 -10.76 -11.02 -0.98
CA GLY B 11 -9.90 -10.15 -0.17
C GLY B 11 -10.47 -9.95 1.22
N ASN B 12 -10.09 -8.85 1.84
CA ASN B 12 -10.61 -8.51 3.16
C ASN B 12 -11.91 -7.76 2.98
N LYS B 13 -13.02 -8.47 3.14
CA LYS B 13 -14.34 -7.87 2.87
C LYS B 13 -14.69 -6.77 3.85
N LYS B 14 -13.91 -6.67 4.93
CA LYS B 14 -14.11 -5.64 5.93
C LYS B 14 -13.12 -4.46 5.79
N SER B 15 -12.27 -4.50 4.78
CA SER B 15 -11.39 -3.35 4.50
C SER B 15 -12.19 -2.09 4.19
N PRO B 16 -11.69 -0.92 4.64
CA PRO B 16 -12.36 0.35 4.31
C PRO B 16 -12.16 0.78 2.85
N ASN B 17 -11.23 0.11 2.20
CA ASN B 17 -10.84 0.44 0.87
CA ASN B 17 -10.83 0.42 0.83
C ASN B 17 -11.44 -0.59 -0.12
N THR B 18 -12.45 -0.16 -0.88
CA THR B 18 -13.12 -1.04 -1.84
C THR B 18 -12.54 -0.85 -3.23
N LEU B 19 -12.14 -1.95 -3.83
CA LEU B 19 -11.60 -1.93 -5.21
C LEU B 19 -12.56 -2.69 -6.13
N LEU B 20 -13.13 -1.98 -7.10
CA LEU B 20 -14.09 -2.53 -8.03
C LEU B 20 -13.36 -2.70 -9.36
N PHE B 21 -13.19 -3.97 -9.77
CA PHE B 21 -12.41 -4.31 -10.97
C PHE B 21 -13.31 -4.52 -12.17
N VAL B 22 -12.97 -3.84 -13.29
CA VAL B 22 -13.73 -3.92 -14.53
C VAL B 22 -12.78 -4.38 -15.64
N HIS B 23 -13.09 -5.54 -16.21
CA HIS B 23 -12.25 -6.18 -17.19
C HIS B 23 -12.37 -5.53 -18.55
N GLY B 24 -11.66 -6.13 -19.51
CA GLY B 24 -11.51 -5.56 -20.84
C GLY B 24 -12.24 -6.29 -21.96
N SER B 25 -11.86 -5.93 -23.18
CA SER B 25 -12.45 -6.48 -24.39
C SER B 25 -12.29 -8.01 -24.46
N GLY B 26 -13.40 -8.71 -24.69
CA GLY B 26 -13.34 -10.16 -25.00
C GLY B 26 -12.81 -11.00 -23.86
N CYS B 27 -12.82 -10.46 -22.65
CA CYS B 27 -12.46 -11.29 -21.49
C CYS B 27 -13.46 -11.12 -20.37
N ASN B 28 -13.10 -11.53 -19.18
CA ASN B 28 -14.02 -11.48 -18.04
C ASN B 28 -13.23 -11.31 -16.75
N LEU B 29 -13.87 -11.39 -15.60
CA LEU B 29 -13.20 -11.08 -14.35
C LEU B 29 -11.99 -12.01 -14.10
N LYS B 30 -11.97 -13.16 -14.75
CA LYS B 30 -10.88 -14.10 -14.55
C LYS B 30 -9.50 -13.52 -14.97
N ILE B 31 -9.51 -12.48 -15.80
CA ILE B 31 -8.26 -11.88 -16.28
C ILE B 31 -7.48 -11.23 -15.13
N PHE B 32 -8.16 -10.95 -14.02
CA PHE B 32 -7.54 -10.33 -12.86
C PHE B 32 -7.01 -11.36 -11.87
N GLY B 33 -6.97 -12.63 -12.26
CA GLY B 33 -6.59 -13.68 -11.30
C GLY B 33 -5.24 -13.51 -10.65
N GLU B 34 -4.28 -12.95 -11.39
CA GLU B 34 -2.95 -12.72 -10.79
C GLU B 34 -2.95 -11.44 -10.00
N LEU B 35 -3.55 -10.40 -10.56
CA LEU B 35 -3.52 -9.11 -9.89
C LEU B 35 -4.17 -9.18 -8.51
N GLU B 36 -5.23 -9.98 -8.39
CA GLU B 36 -5.95 -10.00 -7.10
C GLU B 36 -5.09 -10.63 -5.99
N LYS B 37 -4.11 -11.47 -6.36
CA LYS B 37 -3.25 -12.10 -5.34
C LYS B 37 -2.43 -11.09 -4.52
N TYR B 38 -2.27 -9.88 -5.06
CA TYR B 38 -1.41 -8.85 -4.49
C TYR B 38 -2.24 -7.74 -3.86
N LEU B 39 -3.56 -7.96 -3.84
CA LEU B 39 -4.49 -6.95 -3.32
C LEU B 39 -5.43 -7.56 -2.28
N GLU B 40 -4.98 -8.64 -1.65
CA GLU B 40 -5.82 -9.40 -0.73
C GLU B 40 -6.16 -8.63 0.54
N ASP B 41 -5.41 -7.58 0.86
CA ASP B 41 -5.74 -6.78 2.05
C ASP B 41 -6.87 -5.75 1.82
N TYR B 42 -7.41 -5.71 0.61
CA TYR B 42 -8.46 -4.74 0.28
CA TYR B 42 -8.44 -4.75 0.22
C TYR B 42 -9.76 -5.46 -0.01
N ASN B 43 -10.85 -4.69 -0.05
CA ASN B 43 -12.19 -5.23 -0.27
C ASN B 43 -12.39 -5.31 -1.78
N CYS B 44 -12.16 -6.49 -2.37
CA CYS B 44 -12.10 -6.63 -3.82
C CYS B 44 -13.41 -7.15 -4.38
N ILE B 45 -13.99 -6.39 -5.30
CA ILE B 45 -15.20 -6.81 -6.00
C ILE B 45 -14.86 -6.84 -7.49
N LEU B 46 -15.02 -8.01 -8.10
CA LEU B 46 -14.71 -8.13 -9.52
C LEU B 46 -15.96 -8.45 -10.31
N LEU B 47 -16.29 -7.62 -11.29
CA LEU B 47 -17.53 -7.74 -12.08
C LEU B 47 -17.31 -8.48 -13.38
N ASP B 48 -18.35 -9.18 -13.83
CA ASP B 48 -18.43 -9.62 -15.23
C ASP B 48 -19.38 -8.65 -15.94
N LEU B 49 -18.87 -7.98 -16.96
CA LEU B 49 -19.74 -7.10 -17.74
C LEU B 49 -20.82 -7.93 -18.46
N LYS B 50 -21.95 -7.29 -18.75
CA LYS B 50 -23.06 -7.96 -19.41
C LYS B 50 -22.60 -8.73 -20.67
N GLY B 51 -23.02 -9.99 -20.80
CA GLY B 51 -22.62 -10.80 -21.94
C GLY B 51 -21.24 -11.45 -21.84
N HIS B 52 -20.53 -11.19 -20.74
CA HIS B 52 -19.21 -11.74 -20.49
C HIS B 52 -19.24 -12.61 -19.25
N GLY B 53 -18.37 -13.63 -19.22
CA GLY B 53 -18.31 -14.50 -18.02
C GLY B 53 -19.67 -15.02 -17.61
N GLU B 54 -20.07 -14.79 -16.36
CA GLU B 54 -21.35 -15.34 -15.85
C GLU B 54 -22.50 -14.36 -15.97
N SER B 55 -22.24 -13.17 -16.52
CA SER B 55 -23.31 -12.16 -16.63
C SER B 55 -24.02 -12.36 -17.95
N LYS B 56 -25.27 -12.83 -17.89
CA LYS B 56 -26.00 -13.20 -19.09
C LYS B 56 -26.60 -11.98 -19.82
N GLY B 57 -26.81 -12.14 -21.13
CA GLY B 57 -27.40 -11.08 -21.93
C GLY B 57 -26.56 -10.69 -23.13
N GLN B 58 -27.15 -9.91 -24.01
CA GLN B 58 -26.42 -9.36 -25.16
C GLN B 58 -25.36 -8.38 -24.68
N CYS B 59 -24.13 -8.48 -25.19
CA CYS B 59 -23.12 -7.48 -24.80
C CYS B 59 -23.54 -6.11 -25.32
N PRO B 60 -23.51 -5.09 -24.45
CA PRO B 60 -23.63 -3.73 -24.98
C PRO B 60 -22.64 -3.45 -26.12
N SER B 61 -23.10 -2.69 -27.11
CA SER B 61 -22.30 -2.40 -28.29
C SER B 61 -21.42 -1.19 -28.18
N THR B 62 -21.58 -0.42 -27.11
CA THR B 62 -20.85 0.83 -26.94
C THR B 62 -20.27 0.90 -25.54
N VAL B 63 -19.16 1.63 -25.38
CA VAL B 63 -18.63 1.83 -24.04
C VAL B 63 -19.66 2.51 -23.16
N TYR B 64 -20.49 3.38 -23.73
CA TYR B 64 -21.54 4.08 -22.97
C TYR B 64 -22.50 3.11 -22.34
N GLY B 65 -22.84 2.05 -23.04
CA GLY B 65 -23.69 1.02 -22.45
C GLY B 65 -23.03 0.39 -21.22
N TYR B 66 -21.77 0.00 -21.35
CA TYR B 66 -21.06 -0.54 -20.18
C TYR B 66 -20.93 0.47 -19.03
N ILE B 67 -20.64 1.73 -19.37
CA ILE B 67 -20.62 2.78 -18.34
C ILE B 67 -21.93 2.82 -17.55
N ASP B 68 -23.06 2.85 -18.25
CA ASP B 68 -24.34 2.89 -17.55
C ASP B 68 -24.56 1.64 -16.70
N ASN B 69 -24.22 0.45 -17.20
CA ASN B 69 -24.37 -0.77 -16.41
C ASN B 69 -23.51 -0.72 -15.16
N VAL B 70 -22.25 -0.30 -15.31
CA VAL B 70 -21.36 -0.26 -14.14
C VAL B 70 -21.82 0.77 -13.10
N ALA B 71 -22.26 1.94 -13.58
CA ALA B 71 -22.79 2.96 -12.66
C ALA B 71 -24.01 2.43 -11.91
N ASN B 72 -24.91 1.72 -12.60
CA ASN B 72 -26.07 1.05 -11.97
C ASN B 72 -25.62 0.06 -10.87
N PHE B 73 -24.59 -0.72 -11.17
CA PHE B 73 -24.09 -1.68 -10.21
C PHE B 73 -23.57 -0.96 -8.95
N ILE B 74 -22.79 0.09 -9.17
CA ILE B 74 -22.15 0.79 -8.06
C ILE B 74 -23.24 1.34 -7.14
N THR B 75 -24.23 2.00 -7.74
CA THR B 75 -25.28 2.65 -6.96
C THR B 75 -26.19 1.65 -6.23
N ASN B 76 -26.45 0.50 -6.86
CA ASN B 76 -27.52 -0.38 -6.40
C ASN B 76 -27.13 -1.73 -5.82
N SER B 77 -25.91 -2.21 -6.07
CA SER B 77 -25.54 -3.54 -5.55
C SER B 77 -25.39 -3.51 -4.06
N GLU B 78 -25.72 -4.63 -3.41
CA GLU B 78 -25.57 -4.69 -1.96
C GLU B 78 -24.12 -4.54 -1.50
N VAL B 79 -23.17 -4.93 -2.35
CA VAL B 79 -21.75 -4.90 -1.99
C VAL B 79 -21.07 -3.54 -2.23
N THR B 80 -21.74 -2.64 -2.92
CA THR B 80 -21.15 -1.31 -3.11
C THR B 80 -21.97 -0.13 -2.59
N LYS B 81 -23.28 -0.32 -2.39
CA LYS B 81 -24.18 0.82 -2.14
C LYS B 81 -23.87 1.55 -0.83
N HIS B 82 -23.32 0.82 0.14
CA HIS B 82 -22.94 1.38 1.43
C HIS B 82 -21.45 1.68 1.58
N GLN B 83 -20.64 1.36 0.56
CA GLN B 83 -19.22 1.58 0.67
C GLN B 83 -18.86 3.01 0.32
N LYS B 84 -18.05 3.65 1.16
CA LYS B 84 -17.77 5.08 1.02
C LYS B 84 -16.43 5.41 0.37
N ASN B 85 -15.59 4.42 0.11
CA ASN B 85 -14.28 4.71 -0.50
C ASN B 85 -13.96 3.72 -1.61
N ILE B 86 -14.60 3.90 -2.77
CA ILE B 86 -14.44 2.98 -3.90
C ILE B 86 -13.42 3.49 -4.89
N THR B 87 -12.44 2.65 -5.23
CA THR B 87 -11.53 2.88 -6.36
C THR B 87 -11.94 1.92 -7.46
N LEU B 88 -12.13 2.47 -8.67
CA LEU B 88 -12.40 1.65 -9.83
C LEU B 88 -11.08 1.29 -10.49
N ILE B 89 -10.93 0.03 -10.85
CA ILE B 89 -9.75 -0.44 -11.59
C ILE B 89 -10.24 -1.01 -12.91
N GLY B 90 -9.91 -0.34 -14.02
CA GLY B 90 -10.43 -0.76 -15.32
C GLY B 90 -9.28 -1.17 -16.24
N TYR B 91 -9.37 -2.35 -16.82
CA TYR B 91 -8.36 -2.86 -17.74
C TYR B 91 -8.86 -2.80 -19.17
N SER B 92 -8.01 -2.33 -20.10
CA SER B 92 -8.33 -2.40 -21.53
C SER B 92 -9.60 -1.53 -21.78
N GLY B 94 -12.15 -1.68 -20.18
CA GLY B 94 -12.55 -1.30 -18.82
C GLY B 94 -11.91 0.00 -18.37
N GLY B 95 -10.72 0.33 -18.91
CA GLY B 95 -10.11 1.65 -18.60
C GLY B 95 -11.02 2.77 -19.07
N ALA B 96 -11.50 2.66 -20.31
CA ALA B 96 -12.42 3.69 -20.82
C ALA B 96 -13.70 3.67 -20.00
N ILE B 97 -14.18 2.49 -19.65
CA ILE B 97 -15.42 2.40 -18.88
C ILE B 97 -15.28 3.12 -17.52
N VAL B 98 -14.17 2.88 -16.82
CA VAL B 98 -14.08 3.50 -15.48
C VAL B 98 -13.88 5.00 -15.57
N LEU B 99 -13.23 5.48 -16.64
CA LEU B 99 -13.16 6.95 -16.83
C LEU B 99 -14.56 7.51 -17.07
N GLY B 100 -15.37 6.82 -17.86
CA GLY B 100 -16.74 7.25 -18.10
C GLY B 100 -17.55 7.23 -16.81
N VAL B 101 -17.33 6.23 -15.97
CA VAL B 101 -18.03 6.22 -14.67
C VAL B 101 -17.58 7.40 -13.80
N ALA B 102 -16.29 7.74 -13.83
CA ALA B 102 -15.82 8.92 -13.08
C ALA B 102 -16.65 10.13 -13.46
N LEU B 103 -17.04 10.21 -14.72
CA LEU B 103 -17.77 11.39 -15.23
C LEU B 103 -19.22 11.42 -14.73
N LYS B 104 -19.73 10.29 -14.23
CA LYS B 104 -21.06 10.26 -13.61
C LYS B 104 -21.10 10.91 -12.23
N LYS B 105 -19.93 11.14 -11.65
CA LYS B 105 -19.80 11.84 -10.35
C LYS B 105 -20.59 11.15 -9.25
N LEU B 106 -20.49 9.83 -9.18
CA LEU B 106 -21.14 9.06 -8.10
C LEU B 106 -20.47 9.44 -6.79
N PRO B 107 -21.27 9.63 -5.73
CA PRO B 107 -20.66 10.15 -4.50
C PRO B 107 -19.59 9.28 -3.87
N ASN B 108 -19.68 7.95 -4.04
CA ASN B 108 -18.73 7.06 -3.35
CA ASN B 108 -18.79 7.01 -3.36
C ASN B 108 -17.57 6.57 -4.18
N VAL B 109 -17.49 7.00 -5.42
CA VAL B 109 -16.35 6.69 -6.28
C VAL B 109 -15.31 7.74 -6.02
N ARG B 110 -14.23 7.32 -5.37
CA ARG B 110 -13.21 8.29 -4.89
C ARG B 110 -11.94 8.39 -5.76
N LYS B 111 -11.65 7.32 -6.51
CA LYS B 111 -10.46 7.27 -7.37
C LYS B 111 -10.70 6.32 -8.52
N VAL B 112 -9.93 6.47 -9.59
CA VAL B 112 -10.02 5.55 -10.72
C VAL B 112 -8.62 5.22 -11.23
N VAL B 113 -8.40 3.96 -11.61
CA VAL B 113 -7.19 3.53 -12.26
C VAL B 113 -7.54 3.00 -13.64
N SER B 114 -6.81 3.49 -14.65
CA SER B 114 -6.93 2.97 -16.02
C SER B 114 -5.69 2.18 -16.30
N LEU B 115 -5.86 0.85 -16.42
CA LEU B 115 -4.76 -0.09 -16.57
C LEU B 115 -4.74 -0.57 -18.02
N SER B 116 -3.68 -0.20 -18.75
CA SER B 116 -3.57 -0.60 -20.17
C SER B 116 -4.86 -0.23 -20.88
N GLY B 117 -5.24 1.04 -20.74
CA GLY B 117 -6.50 1.51 -21.31
C GLY B 117 -6.36 2.81 -22.09
N GLY B 118 -7.38 3.63 -21.99
CA GLY B 118 -7.44 4.86 -22.79
C GLY B 118 -8.84 5.44 -22.79
N ALA B 119 -8.97 6.68 -23.25
CA ALA B 119 -10.28 7.29 -23.44
C ALA B 119 -10.71 7.31 -24.90
N ARG B 120 -9.81 6.89 -25.79
CA ARG B 120 -10.03 6.87 -27.25
C ARG B 120 -8.94 5.97 -27.79
N PHE B 121 -9.22 5.20 -28.85
CA PHE B 121 -8.25 4.24 -29.37
C PHE B 121 -8.15 4.46 -30.88
N ASP B 122 -7.75 5.67 -31.25
CA ASP B 122 -7.83 6.09 -32.66
C ASP B 122 -6.72 5.52 -33.54
N LYS B 123 -5.74 4.84 -32.96
CA LYS B 123 -4.64 4.33 -33.77
C LYS B 123 -4.65 2.80 -33.83
N LEU B 124 -5.76 2.20 -33.41
CA LEU B 124 -5.91 0.73 -33.57
C LEU B 124 -5.51 0.31 -34.98
N ASP B 125 -4.69 -0.73 -35.09
CA ASP B 125 -4.14 -1.13 -36.38
C ASP B 125 -5.24 -1.24 -37.44
N LYS B 126 -5.05 -0.58 -38.57
CA LYS B 126 -6.11 -0.49 -39.57
C LYS B 126 -6.42 -1.84 -40.23
N ASP B 127 -5.38 -2.63 -40.51
CA ASP B 127 -5.59 -3.95 -41.12
C ASP B 127 -6.36 -4.88 -40.15
N PHE B 128 -5.95 -4.87 -38.89
CA PHE B 128 -6.62 -5.61 -37.83
C PHE B 128 -8.11 -5.22 -37.74
N GLU B 130 -9.93 -3.72 -39.98
CA GLU B 130 -10.64 -4.09 -41.21
CA GLU B 130 -10.72 -4.05 -41.16
C GLU B 130 -11.16 -5.51 -41.10
N LYS B 131 -10.30 -6.40 -40.63
CA LYS B 131 -10.75 -7.80 -40.42
C LYS B 131 -11.90 -7.86 -39.38
N ILE B 132 -11.79 -7.12 -38.27
CA ILE B 132 -12.84 -7.11 -37.28
C ILE B 132 -14.18 -6.69 -37.93
N TYR B 133 -14.16 -5.64 -38.75
CA TYR B 133 -15.37 -5.17 -39.40
C TYR B 133 -15.96 -6.21 -40.34
N HIS B 134 -15.12 -7.15 -40.79
CA HIS B 134 -15.58 -8.27 -41.63
C HIS B 134 -15.81 -9.53 -40.81
N ASN B 135 -15.92 -9.35 -39.50
CA ASN B 135 -16.24 -10.42 -38.56
C ASN B 135 -15.18 -11.50 -38.46
N GLN B 136 -13.93 -11.07 -38.63
CA GLN B 136 -12.80 -11.99 -38.51
C GLN B 136 -11.85 -11.48 -37.44
N LEU B 137 -11.47 -12.36 -36.55
CA LEU B 137 -10.58 -12.03 -35.45
C LEU B 137 -9.19 -12.62 -35.71
N ASP B 138 -8.20 -11.74 -35.85
CA ASP B 138 -6.80 -12.15 -36.11
C ASP B 138 -6.13 -12.56 -34.81
N ASN B 139 -6.14 -13.86 -34.52
CA ASN B 139 -5.51 -14.34 -33.28
C ASN B 139 -4.01 -14.13 -33.24
N ASN B 140 -3.38 -14.16 -34.41
CA ASN B 140 -1.95 -13.92 -34.47
C ASN B 140 -1.64 -12.52 -33.91
N TYR B 141 -2.41 -11.51 -34.33
CA TYR B 141 -2.18 -10.16 -33.86
C TYR B 141 -2.49 -10.03 -32.37
N LEU B 142 -3.59 -10.63 -31.92
CA LEU B 142 -3.93 -10.64 -30.49
CA LEU B 142 -3.92 -10.63 -30.51
C LEU B 142 -2.78 -11.19 -29.66
N LEU B 143 -2.23 -12.33 -30.09
CA LEU B 143 -1.10 -12.92 -29.40
C LEU B 143 0.08 -11.97 -29.38
N GLU B 144 0.35 -11.31 -30.50
CA GLU B 144 1.42 -10.34 -30.57
C GLU B 144 1.18 -9.23 -29.57
N CYS B 145 -0.06 -8.77 -29.48
CA CYS B 145 -0.39 -7.69 -28.54
C CYS B 145 -0.19 -8.05 -27.07
N ILE B 146 -0.42 -9.31 -26.71
CA ILE B 146 -0.26 -9.69 -25.30
C ILE B 146 1.17 -10.12 -24.98
N GLY B 147 2.00 -10.24 -26.00
CA GLY B 147 3.42 -10.57 -25.84
C GLY B 147 3.66 -12.06 -25.96
N GLY B 148 2.73 -12.75 -26.61
CA GLY B 148 2.88 -14.21 -26.78
C GLY B 148 2.60 -14.97 -25.51
N ILE B 149 2.71 -16.29 -25.59
CA ILE B 149 2.36 -17.17 -24.47
C ILE B 149 3.53 -17.99 -23.93
N ASP B 150 4.78 -17.54 -24.17
CA ASP B 150 5.97 -18.17 -23.54
C ASP B 150 5.89 -18.26 -22.00
N ASN B 151 5.45 -17.20 -21.34
CA ASN B 151 5.26 -17.19 -19.87
C ASN B 151 4.08 -18.13 -19.55
N PRO B 152 4.29 -19.20 -18.74
CA PRO B 152 3.15 -20.06 -18.38
C PRO B 152 1.94 -19.27 -17.89
N LEU B 153 2.18 -18.14 -17.22
CA LEU B 153 1.03 -17.34 -16.78
C LEU B 153 0.28 -16.75 -17.97
N SER B 154 1.00 -16.25 -18.96
CA SER B 154 0.34 -15.72 -20.15
C SER B 154 -0.45 -16.81 -20.85
N GLU B 155 0.12 -18.02 -20.96
CA GLU B 155 -0.61 -19.12 -21.58
C GLU B 155 -1.91 -19.39 -20.84
N LYS B 156 -1.84 -19.44 -19.52
CA LYS B 156 -3.03 -19.73 -18.69
C LYS B 156 -4.09 -18.64 -18.85
N TYR B 157 -3.69 -17.39 -18.69
CA TYR B 157 -4.69 -16.34 -18.75
C TYR B 157 -5.25 -16.05 -20.14
N PHE B 158 -4.46 -16.32 -21.17
CA PHE B 158 -5.00 -16.12 -22.52
C PHE B 158 -6.17 -17.06 -22.76
N GLU B 159 -6.11 -18.23 -22.12
CA GLU B 159 -7.19 -19.20 -22.26
C GLU B 159 -8.47 -18.78 -21.55
N THR B 160 -8.40 -17.76 -20.68
CA THR B 160 -9.60 -17.27 -19.98
C THR B 160 -10.41 -16.30 -20.83
N LEU B 161 -9.87 -15.87 -21.96
CA LEU B 161 -10.62 -15.03 -22.87
C LEU B 161 -11.92 -15.71 -23.31
N GLU B 162 -12.96 -14.93 -23.60
CA GLU B 162 -14.24 -15.46 -24.07
C GLU B 162 -14.03 -16.35 -25.31
N LYS B 163 -14.73 -17.47 -25.35
CA LYS B 163 -14.59 -18.42 -26.47
CA LYS B 163 -14.53 -18.38 -26.47
C LYS B 163 -15.34 -18.01 -27.71
N ASP B 164 -16.45 -17.29 -27.53
CA ASP B 164 -17.21 -16.85 -28.71
C ASP B 164 -16.55 -15.62 -29.34
N PRO B 165 -15.99 -15.72 -30.57
CA PRO B 165 -15.29 -14.55 -31.10
C PRO B 165 -16.19 -13.35 -31.33
N ASP B 166 -17.51 -13.55 -31.34
CA ASP B 166 -18.41 -12.39 -31.52
C ASP B 166 -18.28 -11.40 -30.37
N ILE B 167 -17.86 -11.85 -29.19
CA ILE B 167 -17.73 -10.95 -28.06
C ILE B 167 -16.51 -10.03 -28.25
N ILE B 169 -15.12 -9.21 -31.02
CA ILE B 169 -15.43 -8.35 -32.16
C ILE B 169 -16.32 -7.17 -31.68
N ASN B 170 -17.39 -7.50 -30.96
CA ASN B 170 -18.23 -6.48 -30.37
C ASN B 170 -17.41 -5.43 -29.57
N ASP B 171 -16.53 -5.92 -28.68
CA ASP B 171 -15.82 -5.03 -27.77
C ASP B 171 -14.81 -4.17 -28.51
N LEU B 172 -14.14 -4.73 -29.51
CA LEU B 172 -13.16 -3.98 -30.28
C LEU B 172 -13.84 -2.88 -31.08
N ILE B 173 -15.04 -3.17 -31.61
CA ILE B 173 -15.81 -2.13 -32.32
C ILE B 173 -16.20 -1.03 -31.33
N ALA B 174 -16.64 -1.43 -30.13
CA ALA B 174 -16.96 -0.43 -29.10
C ALA B 174 -15.75 0.46 -28.78
N CYS B 175 -14.57 -0.15 -28.72
CA CYS B 175 -13.34 0.60 -28.47
C CYS B 175 -13.00 1.56 -29.60
N LYS B 176 -13.22 1.14 -30.85
CA LYS B 176 -12.91 2.00 -31.96
CA LYS B 176 -12.90 2.00 -31.97
C LYS B 176 -13.87 3.19 -32.03
N LEU B 177 -15.07 3.00 -31.48
CA LEU B 177 -16.05 4.11 -31.50
C LEU B 177 -15.92 5.12 -30.37
N ILE B 178 -15.41 4.70 -29.22
CA ILE B 178 -15.43 5.56 -28.03
C ILE B 178 -14.48 6.76 -28.11
N ASP B 179 -14.93 7.91 -27.62
CA ASP B 179 -14.04 9.04 -27.53
C ASP B 179 -14.48 9.94 -26.39
N LEU B 180 -13.83 9.74 -25.25
CA LEU B 180 -14.11 10.49 -24.03
C LEU B 180 -13.10 11.60 -23.78
N VAL B 181 -12.16 11.79 -24.71
CA VAL B 181 -11.00 12.64 -24.45
C VAL B 181 -11.42 14.03 -24.03
N ASP B 182 -12.36 14.64 -24.74
CA ASP B 182 -12.72 16.04 -24.45
C ASP B 182 -13.48 16.20 -23.12
N ASN B 183 -13.99 15.09 -22.59
CA ASN B 183 -14.69 15.07 -21.31
C ASN B 183 -13.76 14.88 -20.13
N LEU B 184 -12.56 14.33 -20.37
CA LEU B 184 -11.66 13.98 -19.26
C LEU B 184 -11.38 15.13 -18.30
N LYS B 185 -11.31 16.34 -18.85
CA LYS B 185 -10.97 17.51 -18.02
C LYS B 185 -12.01 17.76 -16.93
N ASN B 186 -13.17 17.12 -17.06
CA ASN B 186 -14.24 17.33 -16.09
C ASN B 186 -14.17 16.35 -14.91
N ILE B 187 -13.22 15.42 -14.95
CA ILE B 187 -13.03 14.50 -13.83
C ILE B 187 -12.38 15.22 -12.64
N ASP B 188 -13.06 15.14 -11.49
CA ASP B 188 -12.72 15.86 -10.26
C ASP B 188 -11.82 15.06 -9.32
N ILE B 189 -11.88 13.74 -9.45
CA ILE B 189 -11.19 12.82 -8.53
C ILE B 189 -9.81 12.38 -9.07
N PRO B 190 -8.94 11.83 -8.20
CA PRO B 190 -7.63 11.30 -8.65
C PRO B 190 -7.79 10.16 -9.64
N VAL B 191 -6.96 10.21 -10.69
CA VAL B 191 -6.95 9.21 -11.75
C VAL B 191 -5.49 8.80 -11.91
N LYS B 192 -5.24 7.50 -12.01
CA LYS B 192 -3.89 7.02 -12.31
C LYS B 192 -3.98 6.13 -13.53
N ALA B 193 -3.09 6.37 -14.50
CA ALA B 193 -2.95 5.48 -15.64
C ALA B 193 -1.69 4.64 -15.50
N ILE B 194 -1.81 3.32 -15.76
CA ILE B 194 -0.66 2.41 -15.65
C ILE B 194 -0.63 1.66 -16.96
N VAL B 195 0.55 1.59 -17.59
CA VAL B 195 0.63 1.00 -18.92
C VAL B 195 2.08 0.58 -19.20
N ALA B 196 2.24 -0.37 -20.12
CA ALA B 196 3.57 -0.80 -20.60
C ALA B 196 3.96 -0.01 -21.84
N LYS B 197 5.19 0.50 -21.84
CA LYS B 197 5.69 1.34 -22.94
C LYS B 197 5.66 0.60 -24.28
N ASP B 198 5.85 -0.72 -24.21
CA ASP B 198 5.92 -1.51 -25.45
C ASP B 198 4.58 -1.96 -25.99
N GLU B 199 3.48 -1.45 -25.44
CA GLU B 199 2.17 -1.69 -26.02
C GLU B 199 2.06 -1.45 -27.50
N LEU B 200 1.39 -2.38 -28.18
CA LEU B 200 0.95 -2.22 -29.56
C LEU B 200 -0.53 -1.89 -29.69
N LEU B 201 -1.29 -2.22 -28.64
CA LEU B 201 -2.77 -2.14 -28.69
C LEU B 201 -3.23 -0.90 -27.95
N THR B 202 -3.08 -0.88 -26.63
CA THR B 202 -3.45 0.32 -25.89
C THR B 202 -2.17 1.13 -25.68
N LEU B 203 -1.79 1.86 -26.73
CA LEU B 203 -0.53 2.60 -26.80
C LEU B 203 -0.27 3.48 -25.59
N VAL B 204 1.00 3.64 -25.22
CA VAL B 204 1.35 4.52 -24.11
C VAL B 204 0.81 5.95 -24.34
N GLU B 205 0.74 6.41 -25.60
CA GLU B 205 0.23 7.77 -25.83
C GLU B 205 -1.22 7.96 -25.35
N TYR B 206 -1.99 6.88 -25.34
CA TYR B 206 -3.39 6.99 -24.83
C TYR B 206 -3.40 7.34 -23.34
N SER B 207 -2.46 6.76 -22.60
CA SER B 207 -2.33 7.02 -21.16
C SER B 207 -1.74 8.41 -20.93
N GLU B 208 -0.83 8.84 -21.79
CA GLU B 208 -0.32 10.23 -21.71
CA GLU B 208 -0.29 10.21 -21.68
C GLU B 208 -1.42 11.22 -21.89
N ILE B 209 -2.39 10.89 -22.74
CA ILE B 209 -3.54 11.80 -22.92
C ILE B 209 -4.36 11.93 -21.61
N ILE B 210 -4.54 10.81 -20.93
CA ILE B 210 -5.24 10.84 -19.63
C ILE B 210 -4.49 11.76 -18.65
N LYS B 211 -3.17 11.61 -18.59
CA LYS B 211 -2.35 12.42 -17.67
C LYS B 211 -2.43 13.90 -18.03
N LYS B 212 -2.44 14.19 -19.33
CA LYS B 212 -2.52 15.58 -19.80
C LYS B 212 -3.88 16.22 -19.46
N GLU B 213 -4.97 15.51 -19.72
CA GLU B 213 -6.32 16.09 -19.60
C GLU B 213 -6.89 16.15 -18.19
N VAL B 214 -6.55 15.15 -17.37
CA VAL B 214 -7.15 15.08 -16.03
C VAL B 214 -6.26 15.84 -15.06
N GLU B 215 -6.80 16.83 -14.33
CA GLU B 215 -5.97 17.64 -13.43
C GLU B 215 -5.29 16.83 -12.34
N ASN B 216 -6.06 16.00 -11.65
CA ASN B 216 -5.43 15.28 -10.57
C ASN B 216 -5.11 13.93 -11.14
N SER B 217 -3.97 13.85 -11.82
CA SER B 217 -3.63 12.58 -12.42
C SER B 217 -2.20 12.17 -12.23
N GLU B 218 -2.01 10.85 -12.27
CA GLU B 218 -0.71 10.22 -12.19
C GLU B 218 -0.56 9.23 -13.33
N LEU B 219 0.69 9.00 -13.70
CA LEU B 219 1.02 8.10 -14.80
C LEU B 219 2.22 7.24 -14.43
N LYS B 220 2.06 5.93 -14.60
CA LYS B 220 3.16 4.98 -14.42
C LYS B 220 3.32 4.23 -15.71
N ILE B 221 4.53 4.32 -16.28
CA ILE B 221 4.86 3.56 -17.48
C ILE B 221 5.90 2.51 -17.11
N PHE B 222 5.52 1.23 -17.23
CA PHE B 222 6.47 0.14 -17.10
C PHE B 222 7.17 -0.04 -18.45
N GLU B 223 8.45 -0.43 -18.43
CA GLU B 223 9.18 -0.58 -19.69
C GLU B 223 8.63 -1.70 -20.59
N THR B 224 8.26 -2.82 -19.99
CA THR B 224 7.80 -3.99 -20.74
C THR B 224 6.54 -4.62 -20.17
N GLY B 225 6.01 -5.61 -20.89
CA GLY B 225 4.84 -6.36 -20.44
C GLY B 225 3.75 -6.42 -21.49
N LYS B 226 3.72 -5.42 -22.36
CA LYS B 226 2.70 -5.33 -23.40
C LYS B 226 1.31 -5.42 -22.77
N HIS B 227 0.34 -6.02 -23.47
CA HIS B 227 -1.05 -5.86 -23.02
C HIS B 227 -1.34 -6.82 -21.86
N PHE B 228 -0.43 -7.78 -21.62
CA PHE B 228 -0.55 -8.69 -20.49
C PHE B 228 0.29 -8.26 -19.28
N LEU B 229 0.62 -6.96 -19.22
CA LEU B 229 1.27 -6.42 -18.04
C LEU B 229 0.59 -6.89 -16.74
N LEU B 230 -0.75 -6.84 -16.70
CA LEU B 230 -1.50 -7.24 -15.48
C LEU B 230 -1.39 -8.72 -15.11
N VAL B 231 -0.87 -9.54 -16.04
CA VAL B 231 -0.69 -10.97 -15.78
C VAL B 231 0.79 -11.24 -15.50
N VAL B 232 1.70 -10.71 -16.32
CA VAL B 232 3.14 -11.05 -16.19
C VAL B 232 3.86 -10.20 -15.16
N ASN B 233 3.29 -9.04 -14.81
CA ASN B 233 3.84 -8.20 -13.76
C ASN B 233 2.72 -7.73 -12.83
N ALA B 234 1.89 -8.67 -12.42
CA ALA B 234 0.81 -8.38 -11.48
C ALA B 234 1.34 -7.76 -10.18
N LYS B 235 2.51 -8.22 -9.71
CA LYS B 235 3.06 -7.63 -8.48
CA LYS B 235 3.15 -7.64 -8.51
C LYS B 235 3.36 -6.14 -8.69
N GLY B 236 3.98 -5.79 -9.80
CA GLY B 236 4.30 -4.40 -10.05
C GLY B 236 3.08 -3.53 -10.25
N VAL B 237 2.12 -4.03 -11.02
CA VAL B 237 0.86 -3.27 -11.17
C VAL B 237 0.21 -3.05 -9.81
N ALA B 238 0.18 -4.11 -9.01
CA ALA B 238 -0.48 -3.99 -7.70
C ALA B 238 0.25 -2.97 -6.82
N GLU B 239 1.59 -2.91 -6.92
CA GLU B 239 2.37 -1.91 -6.17
C GLU B 239 1.92 -0.51 -6.56
N GLU B 240 1.67 -0.34 -7.86
CA GLU B 240 1.30 0.97 -8.40
C GLU B 240 -0.18 1.31 -8.18
N ILE B 241 -0.97 0.31 -7.77
CA ILE B 241 -2.31 0.60 -7.24
C ILE B 241 -2.21 0.95 -5.74
N LYS B 242 -1.45 0.18 -5.00
CA LYS B 242 -1.33 0.34 -3.54
C LYS B 242 -0.68 1.67 -3.16
N ASN B 243 0.22 2.18 -4.01
CA ASN B 243 0.86 3.48 -3.74
C ASN B 243 0.00 4.65 -4.24
N PHE B 244 -1.24 4.36 -4.63
CA PHE B 244 -2.16 5.35 -5.14
C PHE B 244 -3.44 5.42 -4.32
N ILE B 245 -3.96 4.28 -3.87
CA ILE B 245 -5.27 4.22 -3.18
C ILE B 245 -5.16 4.63 -1.73
#